data_1TLG
#
_entry.id   1TLG
#
_cell.length_a   54.180
_cell.length_b   66.450
_cell.length_c   85.900
_cell.angle_alpha   90.00
_cell.angle_beta   90.00
_cell.angle_gamma   90.00
#
_symmetry.space_group_name_H-M   'P 21 21 21'
#
loop_
_entity.id
_entity.type
_entity.pdbx_description
1 polymer 'POLYANDROCARPA LECTIN'
2 non-polymer beta-D-galactopyranose
3 non-polymer 'CALCIUM ION'
4 non-polymer 'ZINC ION'
5 water water
#
_entity_poly.entity_id   1
_entity_poly.type   'polypeptide(L)'
_entity_poly.pdbx_seq_one_letter_code
;MDYEILFSDETMNYADAGTYCQSRGMALVSSAMRDSTMVKAILAFTEVKGHDYWVGADNLQDGAYNFLWNDGVSLPTDSD
LWSPNEPSNPQSWQLCVQIWSKYNLLDDVGCGGARRVICEKELDD
;
_entity_poly.pdbx_strand_id   A,B
#
# COMPACT_ATOMS: atom_id res chain seq x y z
N ASP A 2 1.00 -7.07 12.29
CA ASP A 2 0.73 -5.69 11.93
C ASP A 2 1.91 -5.06 11.19
N TYR A 3 1.57 -4.28 10.16
CA TYR A 3 2.62 -3.67 9.37
C TYR A 3 2.32 -2.31 8.77
N GLU A 4 3.40 -1.66 8.36
CA GLU A 4 3.37 -0.48 7.51
C GLU A 4 3.73 -1.08 6.15
N ILE A 5 3.02 -0.76 5.09
CA ILE A 5 3.34 -1.32 3.78
C ILE A 5 3.50 -0.14 2.81
N LEU A 6 4.62 -0.11 2.13
CA LEU A 6 4.89 0.94 1.16
C LEU A 6 4.91 0.38 -0.26
N PHE A 7 4.12 0.91 -1.17
CA PHE A 7 4.14 0.52 -2.57
C PHE A 7 4.71 1.72 -3.34
N SER A 8 5.63 1.48 -4.26
CA SER A 8 6.21 2.55 -5.04
C SER A 8 6.19 2.24 -6.53
N ASP A 9 5.69 3.18 -7.31
CA ASP A 9 5.64 3.05 -8.76
C ASP A 9 7.00 3.26 -9.41
N GLU A 10 7.98 3.76 -8.67
CA GLU A 10 9.32 3.96 -9.22
C GLU A 10 9.91 2.57 -9.52
N THR A 11 10.60 2.38 -10.62
CA THR A 11 11.18 1.06 -10.90
C THR A 11 12.69 1.06 -10.68
N MET A 12 13.20 -0.06 -10.19
CA MET A 12 14.58 -0.28 -9.84
C MET A 12 14.97 -1.75 -9.97
N ASN A 13 16.28 -2.02 -9.98
CA ASN A 13 16.72 -3.42 -9.97
C ASN A 13 16.56 -3.91 -8.53
N TYR A 14 16.70 -5.21 -8.32
CA TYR A 14 16.55 -5.78 -6.99
C TYR A 14 17.42 -5.12 -5.94
N ALA A 15 18.69 -4.86 -6.23
CA ALA A 15 19.58 -4.27 -5.24
C ALA A 15 19.14 -2.86 -4.86
N ASP A 16 18.80 -2.07 -5.87
CA ASP A 16 18.35 -0.71 -5.56
C ASP A 16 17.06 -0.77 -4.75
N ALA A 17 16.22 -1.77 -5.02
CA ALA A 17 14.98 -1.92 -4.26
C ALA A 17 15.28 -2.10 -2.77
N GLY A 18 16.23 -2.96 -2.45
CA GLY A 18 16.58 -3.22 -1.06
C GLY A 18 17.10 -1.98 -0.35
N THR A 19 17.91 -1.20 -1.04
CA THR A 19 18.50 0.03 -0.52
C THR A 19 17.44 1.12 -0.31
N TYR A 20 16.55 1.15 -1.29
CA TYR A 20 15.44 2.11 -1.27
C TYR A 20 14.58 1.87 -0.03
N CYS A 21 14.33 0.60 0.29
CA CYS A 21 13.48 0.30 1.44
C CYS A 21 14.21 0.61 2.74
N GLN A 22 15.43 0.06 2.82
CA GLN A 22 16.27 0.21 4.00
C GLN A 22 16.55 1.66 4.36
N SER A 23 16.70 2.53 3.39
CA SER A 23 16.98 3.94 3.66
C SER A 23 15.76 4.65 4.24
N ARG A 24 14.67 3.89 4.30
CA ARG A 24 13.39 4.42 4.76
C ARG A 24 13.03 3.76 6.09
N GLY A 25 13.95 2.97 6.62
CA GLY A 25 13.73 2.26 7.87
C GLY A 25 12.84 1.04 7.68
N MET A 26 12.64 0.65 6.43
CA MET A 26 11.79 -0.49 6.12
C MET A 26 12.61 -1.57 5.42
N ALA A 27 12.00 -2.70 5.12
CA ALA A 27 12.65 -3.78 4.40
C ALA A 27 11.83 -4.22 3.19
N LEU A 28 12.49 -4.81 2.20
CA LEU A 28 11.77 -5.29 1.01
C LEU A 28 10.73 -6.27 1.55
N VAL A 29 9.49 -6.23 1.05
CA VAL A 29 8.42 -7.04 1.63
C VAL A 29 8.82 -8.50 1.79
N SER A 30 8.51 -9.09 2.95
CA SER A 30 8.88 -10.48 3.19
C SER A 30 7.97 -11.14 4.20
N SER A 31 8.11 -10.85 5.49
CA SER A 31 7.23 -11.50 6.47
C SER A 31 5.77 -11.17 6.19
N ALA A 32 5.48 -10.01 5.63
CA ALA A 32 4.06 -9.72 5.35
C ALA A 32 3.56 -10.64 4.24
N MET A 33 4.45 -11.14 3.37
CA MET A 33 3.99 -12.05 2.32
C MET A 33 3.59 -13.41 2.89
N ARG A 34 4.08 -13.73 4.08
CA ARG A 34 3.79 -15.00 4.74
C ARG A 34 2.58 -14.89 5.65
N ASP A 35 2.05 -13.69 5.81
CA ASP A 35 0.89 -13.41 6.65
C ASP A 35 -0.36 -13.44 5.79
N SER A 36 -1.25 -14.38 6.07
CA SER A 36 -2.45 -14.64 5.32
C SER A 36 -3.31 -13.42 5.01
N THR A 37 -3.59 -12.57 5.99
CA THR A 37 -4.41 -11.39 5.71
C THR A 37 -3.61 -10.40 4.87
N MET A 38 -2.42 -10.07 5.37
CA MET A 38 -1.60 -9.10 4.67
C MET A 38 -1.31 -9.44 3.22
N VAL A 39 -0.93 -10.68 2.94
CA VAL A 39 -0.58 -11.04 1.56
C VAL A 39 -1.76 -10.82 0.62
N LYS A 40 -2.97 -11.16 1.09
CA LYS A 40 -4.11 -10.99 0.18
C LYS A 40 -4.36 -9.50 -0.07
N ALA A 41 -4.12 -8.66 0.92
CA ALA A 41 -4.32 -7.22 0.74
C ALA A 41 -3.26 -6.72 -0.25
N ILE A 42 -2.03 -7.18 -0.05
CA ILE A 42 -0.91 -6.76 -0.91
C ILE A 42 -1.18 -7.16 -2.35
N LEU A 43 -1.67 -8.38 -2.56
CA LEU A 43 -1.95 -8.87 -3.90
C LEU A 43 -3.17 -8.22 -4.53
N ALA A 44 -4.12 -7.75 -3.74
CA ALA A 44 -5.28 -7.03 -4.29
C ALA A 44 -4.80 -5.75 -4.98
N PHE A 45 -3.85 -5.07 -4.34
CA PHE A 45 -3.27 -3.83 -4.84
C PHE A 45 -2.52 -4.10 -6.14
N THR A 46 -1.55 -5.00 -6.11
CA THR A 46 -0.73 -5.30 -7.28
C THR A 46 -1.57 -5.85 -8.42
N GLU A 47 -2.64 -6.56 -8.12
CA GLU A 47 -3.56 -7.05 -9.14
C GLU A 47 -4.16 -5.86 -9.91
N VAL A 48 -4.59 -4.82 -9.20
CA VAL A 48 -5.18 -3.69 -9.90
C VAL A 48 -4.13 -3.05 -10.81
N LYS A 49 -2.95 -2.83 -10.25
CA LYS A 49 -1.87 -2.16 -10.95
C LYS A 49 -1.39 -2.94 -12.17
N GLY A 50 -1.55 -4.26 -12.13
CA GLY A 50 -1.17 -5.14 -13.21
C GLY A 50 0.29 -5.03 -13.61
N HIS A 51 1.17 -4.70 -12.68
CA HIS A 51 2.60 -4.59 -12.96
C HIS A 51 3.44 -5.51 -12.10
N ASP A 52 4.68 -5.70 -12.52
CA ASP A 52 5.64 -6.51 -11.77
C ASP A 52 6.18 -5.72 -10.59
N TYR A 53 6.41 -6.41 -9.47
CA TYR A 53 6.96 -5.81 -8.28
C TYR A 53 7.98 -6.76 -7.63
N TRP A 54 9.01 -6.19 -7.02
CA TRP A 54 9.95 -7.04 -6.30
C TRP A 54 9.36 -7.43 -4.95
N VAL A 55 9.90 -8.49 -4.38
CA VAL A 55 9.63 -8.94 -3.04
C VAL A 55 11.01 -9.33 -2.48
N GLY A 56 11.12 -9.38 -1.16
CA GLY A 56 12.36 -9.63 -0.50
C GLY A 56 12.79 -11.08 -0.40
N ALA A 57 12.89 -11.78 -1.52
CA ALA A 57 13.35 -13.17 -1.50
C ALA A 57 14.32 -13.36 -2.67
N ASP A 58 15.32 -14.21 -2.46
CA ASP A 58 16.35 -14.45 -3.46
C ASP A 58 17.12 -15.73 -3.13
N ASN A 59 18.02 -16.15 -4.03
CA ASN A 59 18.80 -17.35 -3.73
C ASN A 59 20.28 -16.97 -3.62
N LEU A 60 20.56 -15.71 -3.35
CA LEU A 60 21.93 -15.22 -3.26
C LEU A 60 22.77 -15.88 -2.18
N GLN A 61 22.19 -16.26 -1.05
CA GLN A 61 22.96 -16.85 0.02
C GLN A 61 23.31 -18.31 -0.25
N ASP A 62 22.26 -19.06 -0.60
CA ASP A 62 22.44 -20.50 -0.79
C ASP A 62 22.35 -21.01 -2.21
N GLY A 63 22.04 -20.22 -3.21
CA GLY A 63 21.99 -20.64 -4.60
C GLY A 63 20.88 -21.62 -4.96
N ALA A 64 20.79 -21.87 -6.26
CA ALA A 64 19.82 -22.77 -6.86
C ALA A 64 18.40 -22.41 -6.44
N TYR A 65 17.62 -23.42 -6.08
CA TYR A 65 16.27 -23.15 -5.61
C TYR A 65 16.21 -23.20 -4.09
N ASN A 66 17.22 -22.61 -3.45
CA ASN A 66 17.20 -22.47 -1.99
C ASN A 66 16.79 -21.01 -1.68
N PHE A 67 15.55 -20.68 -2.05
CA PHE A 67 15.06 -19.32 -1.87
C PHE A 67 14.89 -18.91 -0.42
N LEU A 68 15.46 -17.77 -0.05
CA LEU A 68 15.31 -17.24 1.30
C LEU A 68 14.69 -15.82 1.27
N TRP A 69 13.81 -15.56 2.22
CA TRP A 69 13.25 -14.23 2.44
C TRP A 69 14.35 -13.40 3.10
N ASN A 70 14.36 -12.08 2.96
CA ASN A 70 15.42 -11.27 3.52
C ASN A 70 15.57 -11.44 5.04
N ASP A 71 14.59 -12.04 5.71
CA ASP A 71 14.71 -12.16 7.16
C ASP A 71 15.15 -13.54 7.60
N GLY A 72 15.72 -14.33 6.71
CA GLY A 72 16.23 -15.65 7.04
C GLY A 72 15.28 -16.80 6.85
N VAL A 73 13.99 -16.53 6.75
CA VAL A 73 12.98 -17.58 6.58
C VAL A 73 12.98 -18.09 5.14
N SER A 74 12.80 -19.41 5.04
CA SER A 74 12.82 -20.08 3.75
C SER A 74 11.55 -19.85 2.94
N LEU A 75 11.75 -19.65 1.63
CA LEU A 75 10.60 -19.53 0.72
C LEU A 75 10.55 -20.91 0.03
N PRO A 76 9.65 -21.76 0.49
CA PRO A 76 9.52 -23.11 -0.03
C PRO A 76 9.32 -23.18 -1.53
N THR A 77 10.22 -23.95 -2.15
CA THR A 77 10.18 -24.16 -3.60
C THR A 77 8.78 -24.57 -4.02
N ASP A 78 8.02 -25.16 -3.10
CA ASP A 78 6.66 -25.58 -3.43
C ASP A 78 5.59 -24.73 -2.76
N SER A 79 5.90 -23.48 -2.40
CA SER A 79 4.88 -22.64 -1.77
C SER A 79 3.73 -22.36 -2.73
N ASP A 80 2.53 -22.21 -2.17
CA ASP A 80 1.37 -21.85 -2.96
C ASP A 80 1.51 -20.41 -3.50
N LEU A 81 2.51 -19.68 -3.04
CA LEU A 81 2.74 -18.32 -3.49
C LEU A 81 3.30 -18.24 -4.90
N TRP A 82 3.92 -19.33 -5.39
CA TRP A 82 4.52 -19.35 -6.69
C TRP A 82 3.51 -19.40 -7.84
N SER A 83 3.83 -18.64 -8.89
CA SER A 83 3.03 -18.68 -10.11
C SER A 83 3.13 -20.14 -10.60
N PRO A 84 2.21 -20.52 -11.47
CA PRO A 84 2.21 -21.84 -12.08
C PRO A 84 3.52 -22.09 -12.81
N ASN A 85 4.10 -23.26 -12.59
CA ASN A 85 5.33 -23.67 -13.26
C ASN A 85 6.53 -22.79 -12.92
N GLU A 86 6.60 -22.28 -11.69
CA GLU A 86 7.76 -21.48 -11.26
C GLU A 86 8.05 -21.98 -9.85
N PRO A 87 9.26 -21.90 -9.35
CA PRO A 87 10.39 -21.35 -10.08
C PRO A 87 10.88 -22.27 -11.19
N SER A 88 11.42 -21.69 -12.25
CA SER A 88 11.86 -22.48 -13.38
C SER A 88 13.13 -21.97 -14.05
N ASN A 89 13.68 -20.84 -13.62
CA ASN A 89 14.89 -20.33 -14.29
C ASN A 89 16.07 -21.24 -13.99
N PRO A 90 17.12 -21.17 -14.79
CA PRO A 90 18.30 -21.99 -14.58
C PRO A 90 18.87 -21.79 -13.18
N GLN A 91 18.99 -22.89 -12.44
CA GLN A 91 19.50 -22.94 -11.09
C GLN A 91 20.94 -22.47 -10.95
N SER A 92 21.62 -22.11 -12.03
CA SER A 92 23.00 -21.65 -11.88
C SER A 92 23.01 -20.14 -11.73
N TRP A 93 21.89 -19.52 -12.09
CA TRP A 93 21.77 -18.07 -12.01
C TRP A 93 21.54 -17.55 -10.60
N GLN A 94 21.85 -16.26 -10.46
CA GLN A 94 21.52 -15.51 -9.25
C GLN A 94 20.03 -15.22 -9.46
N LEU A 95 19.16 -15.76 -8.62
CA LEU A 95 17.73 -15.56 -8.84
C LEU A 95 17.05 -14.79 -7.71
N CYS A 96 16.30 -13.78 -8.11
CA CYS A 96 15.55 -12.90 -7.21
C CYS A 96 14.06 -13.11 -7.45
N VAL A 97 13.25 -12.77 -6.45
CA VAL A 97 11.82 -13.02 -6.57
C VAL A 97 10.98 -11.76 -6.75
N GLN A 98 9.96 -11.91 -7.62
CA GLN A 98 9.02 -10.84 -7.88
C GLN A 98 7.59 -11.33 -7.88
N ILE A 99 6.67 -10.38 -7.88
CA ILE A 99 5.26 -10.64 -8.08
C ILE A 99 5.09 -10.37 -9.59
N TRP A 100 4.88 -11.44 -10.33
CA TRP A 100 4.76 -11.34 -11.79
C TRP A 100 3.33 -11.06 -12.24
N SER A 101 3.14 -9.96 -12.94
CA SER A 101 1.86 -9.51 -13.42
C SER A 101 1.15 -10.58 -14.26
N LYS A 102 1.92 -11.49 -14.86
CA LYS A 102 1.26 -12.54 -15.65
C LYS A 102 0.23 -13.29 -14.82
N TYR A 103 0.59 -13.59 -13.58
CA TYR A 103 -0.29 -14.31 -12.68
C TYR A 103 -0.55 -13.60 -11.35
N ASN A 104 0.16 -12.52 -11.11
CA ASN A 104 0.03 -11.81 -9.83
C ASN A 104 0.40 -12.80 -8.72
N LEU A 105 1.42 -13.59 -9.04
CA LEU A 105 1.98 -14.60 -8.15
C LEU A 105 3.50 -14.57 -8.23
N LEU A 106 4.18 -15.20 -7.28
CA LEU A 106 5.64 -15.14 -7.23
C LEU A 106 6.32 -15.81 -8.40
N ASP A 107 7.50 -15.30 -8.74
CA ASP A 107 8.25 -15.83 -9.87
C ASP A 107 9.74 -15.58 -9.69
N ASP A 108 10.60 -16.45 -10.23
CA ASP A 108 12.05 -16.25 -10.13
C ASP A 108 12.60 -15.61 -11.40
N VAL A 109 13.44 -14.59 -11.26
CA VAL A 109 14.00 -13.85 -12.39
C VAL A 109 15.45 -13.46 -12.14
N GLY A 110 16.07 -12.90 -13.18
CA GLY A 110 17.43 -12.36 -13.01
C GLY A 110 17.21 -11.11 -12.15
N CYS A 111 18.25 -10.62 -11.49
CA CYS A 111 18.03 -9.47 -10.61
C CYS A 111 18.23 -8.12 -11.24
N GLY A 112 18.41 -8.02 -12.57
CA GLY A 112 18.67 -6.78 -13.26
C GLY A 112 17.56 -5.95 -13.84
N GLY A 113 16.39 -6.51 -14.13
CA GLY A 113 15.30 -5.73 -14.71
C GLY A 113 14.74 -4.76 -13.68
N ALA A 114 14.23 -3.63 -14.16
CA ALA A 114 13.65 -2.61 -13.30
C ALA A 114 12.19 -3.00 -13.00
N ARG A 115 11.83 -2.99 -11.72
CA ARG A 115 10.46 -3.31 -11.33
C ARG A 115 10.07 -2.42 -10.14
N ARG A 116 8.76 -2.38 -9.91
CA ARG A 116 8.18 -1.62 -8.80
C ARG A 116 8.58 -2.27 -7.48
N VAL A 117 8.49 -1.50 -6.41
CA VAL A 117 8.90 -1.89 -5.09
C VAL A 117 7.82 -1.88 -4.02
N ILE A 118 7.92 -2.84 -3.12
CA ILE A 118 7.07 -3.02 -1.96
C ILE A 118 7.95 -3.15 -0.72
N CYS A 119 7.81 -2.25 0.24
CA CYS A 119 8.56 -2.35 1.48
C CYS A 119 7.62 -2.63 2.66
N GLU A 120 8.15 -3.24 3.71
CA GLU A 120 7.39 -3.53 4.91
C GLU A 120 8.13 -3.04 6.15
N LYS A 121 7.38 -2.83 7.21
CA LYS A 121 7.90 -2.47 8.53
C LYS A 121 6.91 -3.11 9.52
N GLU A 122 7.38 -4.08 10.27
CA GLU A 122 6.52 -4.73 11.24
C GLU A 122 6.21 -3.77 12.39
N LEU A 123 4.99 -3.87 12.90
CA LEU A 123 4.53 -3.00 13.98
C LEU A 123 4.15 -3.82 15.21
N ASP A 124 4.80 -3.53 16.33
CA ASP A 124 4.50 -4.22 17.58
C ASP A 124 3.88 -3.19 18.56
N ASP B 2 1.65 8.85 -11.06
CA ASP B 2 2.44 7.87 -10.34
C ASP B 2 2.60 8.27 -8.88
N TYR B 3 2.69 7.26 -8.00
CA TYR B 3 2.82 7.54 -6.59
C TYR B 3 3.60 6.50 -5.79
N GLU B 4 3.94 6.91 -4.59
CA GLU B 4 4.41 6.14 -3.47
C GLU B 4 3.17 6.12 -2.53
N ILE B 5 2.72 4.95 -2.09
CA ILE B 5 1.55 4.89 -1.23
C ILE B 5 1.94 4.08 0.01
N LEU B 6 1.70 4.67 1.19
CA LEU B 6 2.01 4.02 2.46
C LEU B 6 0.75 3.74 3.28
N PHE B 7 0.56 2.49 3.65
CA PHE B 7 -0.55 2.05 4.48
C PHE B 7 0.00 1.67 5.87
N SER B 8 -0.62 2.16 6.93
CA SER B 8 -0.20 1.83 8.27
C SER B 8 -1.34 1.25 9.10
N ASP B 9 -1.06 0.13 9.75
CA ASP B 9 -2.01 -0.50 10.64
C ASP B 9 -2.14 0.25 11.97
N GLU B 10 -1.22 1.16 12.27
CA GLU B 10 -1.32 1.89 13.55
C GLU B 10 -2.45 2.92 13.47
N THR B 11 -3.24 3.05 14.52
CA THR B 11 -4.35 4.00 14.50
C THR B 11 -4.05 5.29 15.23
N MET B 12 -4.60 6.39 14.75
CA MET B 12 -4.42 7.69 15.37
C MET B 12 -5.55 8.63 14.96
N ASN B 13 -5.73 9.75 15.64
CA ASN B 13 -6.76 10.70 15.25
C ASN B 13 -6.35 11.38 13.94
N TYR B 14 -7.21 12.25 13.42
CA TYR B 14 -6.97 12.88 12.12
C TYR B 14 -5.77 13.81 12.13
N ALA B 15 -5.59 14.58 13.18
CA ALA B 15 -4.48 15.50 13.30
C ALA B 15 -3.15 14.76 13.32
N ASP B 16 -3.07 13.72 14.15
CA ASP B 16 -1.85 12.93 14.26
C ASP B 16 -1.58 12.17 12.97
N ALA B 17 -2.63 11.74 12.27
CA ALA B 17 -2.45 11.05 11.00
C ALA B 17 -1.71 11.98 10.02
N GLY B 18 -2.16 13.22 9.93
CA GLY B 18 -1.53 14.20 9.06
C GLY B 18 -0.05 14.40 9.41
N THR B 19 0.24 14.62 10.69
CA THR B 19 1.65 14.82 11.08
C THR B 19 2.46 13.55 10.85
N TYR B 20 1.83 12.39 10.99
CA TYR B 20 2.50 11.12 10.71
C TYR B 20 2.98 11.08 9.27
N CYS B 21 2.11 11.39 8.30
CA CYS B 21 2.51 11.36 6.89
C CYS B 21 3.60 12.40 6.62
N GLN B 22 3.38 13.60 7.13
CA GLN B 22 4.28 14.72 6.98
C GLN B 22 5.69 14.45 7.48
N SER B 23 5.81 13.76 8.61
CA SER B 23 7.13 13.46 9.16
C SER B 23 7.88 12.50 8.23
N ARG B 24 7.15 11.81 7.36
CA ARG B 24 7.74 10.86 6.44
C ARG B 24 7.97 11.45 5.05
N GLY B 25 7.77 12.75 4.90
CA GLY B 25 7.92 13.37 3.59
C GLY B 25 6.73 13.07 2.69
N MET B 26 5.59 12.68 3.27
CA MET B 26 4.40 12.37 2.46
C MET B 26 3.21 13.19 2.93
N ALA B 27 2.04 12.93 2.37
CA ALA B 27 0.82 13.62 2.77
C ALA B 27 -0.28 12.57 2.95
N LEU B 28 -1.28 12.93 3.75
CA LEU B 28 -2.46 12.06 3.91
C LEU B 28 -3.02 11.87 2.51
N VAL B 29 -3.35 10.67 2.09
CA VAL B 29 -3.81 10.39 0.73
C VAL B 29 -4.91 11.36 0.28
N SER B 30 -4.73 11.91 -0.92
CA SER B 30 -5.65 12.89 -1.47
C SER B 30 -5.65 12.90 -3.00
N SER B 31 -4.62 13.38 -3.67
CA SER B 31 -4.64 13.38 -5.14
C SER B 31 -4.69 11.95 -5.68
N ALA B 32 -4.12 11.00 -4.95
CA ALA B 32 -4.19 9.59 -5.35
C ALA B 32 -5.64 9.11 -5.37
N MET B 33 -6.47 9.67 -4.49
CA MET B 33 -7.89 9.26 -4.44
C MET B 33 -8.66 9.78 -5.64
N ARG B 34 -8.21 10.86 -6.26
CA ARG B 34 -8.87 11.42 -7.44
C ARG B 34 -8.35 10.80 -8.73
N ASP B 35 -7.31 9.99 -8.66
CA ASP B 35 -6.74 9.30 -9.82
C ASP B 35 -7.43 7.96 -10.00
N SER B 36 -8.17 7.78 -11.08
CA SER B 36 -8.96 6.59 -11.33
C SER B 36 -8.27 5.26 -11.18
N THR B 37 -7.05 5.06 -11.65
CA THR B 37 -6.37 3.79 -11.46
C THR B 37 -5.90 3.63 -10.01
N MET B 38 -5.22 4.68 -9.52
CA MET B 38 -4.69 4.56 -8.17
C MET B 38 -5.78 4.28 -7.13
N VAL B 39 -6.89 5.00 -7.21
CA VAL B 39 -7.92 4.83 -6.17
C VAL B 39 -8.41 3.40 -6.14
N LYS B 40 -8.52 2.79 -7.32
CA LYS B 40 -8.94 1.41 -7.45
C LYS B 40 -7.98 0.46 -6.71
N ALA B 41 -6.67 0.67 -6.87
CA ALA B 41 -5.68 -0.12 -6.18
C ALA B 41 -5.74 0.11 -4.66
N ILE B 42 -5.89 1.36 -4.24
CA ILE B 42 -5.96 1.67 -2.82
C ILE B 42 -7.15 0.96 -2.17
N LEU B 43 -8.32 1.11 -2.77
CA LEU B 43 -9.53 0.50 -2.24
C LEU B 43 -9.53 -1.02 -2.32
N ALA B 44 -8.79 -1.63 -3.25
CA ALA B 44 -8.72 -3.10 -3.29
C ALA B 44 -7.99 -3.57 -2.02
N PHE B 45 -6.95 -2.84 -1.64
CA PHE B 45 -6.20 -3.17 -0.43
C PHE B 45 -7.10 -3.03 0.82
N THR B 46 -7.75 -1.86 0.93
CA THR B 46 -8.60 -1.61 2.10
C THR B 46 -9.79 -2.56 2.16
N GLU B 47 -10.26 -2.98 0.99
CA GLU B 47 -11.37 -3.92 0.90
C GLU B 47 -11.00 -5.21 1.64
N VAL B 48 -9.79 -5.68 1.33
CA VAL B 48 -9.29 -6.88 2.00
C VAL B 48 -9.19 -6.62 3.50
N LYS B 49 -8.56 -5.52 3.89
CA LYS B 49 -8.34 -5.26 5.32
C LYS B 49 -9.61 -5.07 6.11
N GLY B 50 -10.68 -4.57 5.48
CA GLY B 50 -11.92 -4.34 6.18
C GLY B 50 -11.86 -3.41 7.38
N HIS B 51 -11.03 -2.38 7.36
CA HIS B 51 -10.94 -1.43 8.45
C HIS B 51 -11.17 0.01 8.01
N ASP B 52 -11.40 0.89 8.98
CA ASP B 52 -11.56 2.31 8.68
C ASP B 52 -10.17 2.93 8.51
N TYR B 53 -10.00 3.74 7.49
CA TYR B 53 -8.75 4.46 7.25
C TYR B 53 -9.04 5.96 7.05
N TRP B 54 -8.11 6.79 7.53
CA TRP B 54 -8.27 8.22 7.27
C TRP B 54 -7.87 8.53 5.82
N VAL B 55 -8.40 9.61 5.27
CA VAL B 55 -8.00 10.15 3.99
C VAL B 55 -7.77 11.65 4.23
N GLY B 56 -7.08 12.30 3.31
CA GLY B 56 -6.75 13.71 3.52
C GLY B 56 -7.84 14.64 3.02
N ALA B 57 -8.99 14.59 3.69
CA ALA B 57 -10.10 15.49 3.35
C ALA B 57 -10.83 15.88 4.62
N ASP B 58 -11.35 17.11 4.65
CA ASP B 58 -12.11 17.61 5.79
C ASP B 58 -12.86 18.89 5.43
N ASN B 59 -13.71 19.40 6.33
CA ASN B 59 -14.46 20.62 6.13
C ASN B 59 -13.95 21.75 7.04
N LEU B 60 -12.81 21.53 7.68
CA LEU B 60 -12.28 22.46 8.65
C LEU B 60 -12.14 23.90 8.18
N GLN B 61 -11.82 24.17 6.93
CA GLN B 61 -11.66 25.53 6.46
C GLN B 61 -12.96 26.28 6.20
N ASP B 62 -13.82 25.75 5.34
CA ASP B 62 -15.04 26.45 4.98
C ASP B 62 -16.29 25.92 5.65
N GLY B 63 -16.18 24.84 6.42
CA GLY B 63 -17.30 24.28 7.14
C GLY B 63 -18.36 23.53 6.36
N ALA B 64 -19.44 23.18 7.07
CA ALA B 64 -20.56 22.47 6.46
C ALA B 64 -20.12 21.35 5.53
N TYR B 65 -20.65 21.25 4.30
CA TYR B 65 -20.23 20.18 3.42
C TYR B 65 -19.32 20.73 2.31
N ASN B 66 -18.47 21.68 2.69
CA ASN B 66 -17.49 22.23 1.76
C ASN B 66 -16.21 21.42 1.99
N PHE B 67 -16.26 20.16 1.58
CA PHE B 67 -15.09 19.30 1.84
C PHE B 67 -13.93 19.65 0.93
N LEU B 68 -12.73 19.77 1.51
CA LEU B 68 -11.52 20.01 0.75
C LEU B 68 -10.47 18.91 0.99
N TRP B 69 -9.86 18.48 -0.11
CA TRP B 69 -8.71 17.56 -0.05
C TRP B 69 -7.58 18.43 0.51
N ASN B 70 -6.56 17.86 1.16
CA ASN B 70 -5.53 18.67 1.76
C ASN B 70 -4.65 19.43 0.76
N ASP B 71 -4.77 19.14 -0.53
CA ASP B 71 -3.99 19.88 -1.52
C ASP B 71 -4.86 21.01 -2.06
N GLY B 72 -6.01 21.23 -1.45
CA GLY B 72 -6.89 22.33 -1.82
C GLY B 72 -7.96 22.10 -2.85
N VAL B 73 -8.00 20.93 -3.46
CA VAL B 73 -9.00 20.60 -4.47
C VAL B 73 -10.28 20.17 -3.76
N SER B 74 -11.43 20.58 -4.25
CA SER B 74 -12.71 20.22 -3.66
C SER B 74 -13.02 18.73 -3.78
N LEU B 75 -13.70 18.20 -2.78
CA LEU B 75 -14.23 16.85 -2.71
C LEU B 75 -15.76 17.04 -2.82
N PRO B 76 -16.25 17.02 -4.04
CA PRO B 76 -17.66 17.26 -4.32
C PRO B 76 -18.58 16.42 -3.46
N THR B 77 -19.64 17.07 -2.96
CA THR B 77 -20.59 16.41 -2.07
C THR B 77 -21.29 15.25 -2.76
N ASP B 78 -21.39 15.33 -4.08
CA ASP B 78 -22.01 14.29 -4.87
C ASP B 78 -21.01 13.35 -5.54
N SER B 79 -19.79 13.28 -5.02
CA SER B 79 -18.79 12.37 -5.60
C SER B 79 -19.22 10.91 -5.48
N ASP B 80 -18.84 10.10 -6.46
CA ASP B 80 -19.09 8.66 -6.42
C ASP B 80 -18.25 7.99 -5.32
N LEU B 81 -17.24 8.68 -4.81
CA LEU B 81 -16.39 8.09 -3.78
C LEU B 81 -17.12 7.97 -2.45
N TRP B 82 -18.22 8.69 -2.29
CA TRP B 82 -18.93 8.66 -1.00
C TRP B 82 -19.75 7.39 -0.80
N SER B 83 -19.76 6.89 0.43
CA SER B 83 -20.60 5.74 0.76
C SER B 83 -22.06 6.14 0.58
N PRO B 84 -22.93 5.13 0.45
CA PRO B 84 -24.36 5.36 0.36
C PRO B 84 -24.85 6.22 1.50
N ASN B 85 -25.60 7.28 1.23
CA ASN B 85 -26.16 8.16 2.24
C ASN B 85 -25.14 8.95 3.05
N GLU B 86 -23.97 9.22 2.49
CA GLU B 86 -22.96 10.07 3.14
C GLU B 86 -22.60 11.12 2.10
N PRO B 87 -22.19 12.30 2.51
CA PRO B 87 -22.02 12.65 3.90
C PRO B 87 -23.36 12.93 4.58
N SER B 88 -23.50 12.62 5.86
CA SER B 88 -24.76 12.85 6.55
C SER B 88 -24.63 13.43 7.94
N ASN B 89 -23.42 13.67 8.44
CA ASN B 89 -23.32 14.21 9.81
C ASN B 89 -23.76 15.66 9.80
N PRO B 90 -24.06 16.21 10.97
CA PRO B 90 -24.49 17.59 11.08
C PRO B 90 -23.42 18.50 10.51
N GLN B 91 -23.85 19.37 9.60
CA GLN B 91 -23.00 20.31 8.92
C GLN B 91 -22.29 21.30 9.84
N SER B 92 -22.82 21.50 11.04
CA SER B 92 -22.22 22.42 11.99
C SER B 92 -21.08 21.75 12.76
N TRP B 93 -20.82 20.49 12.47
CA TRP B 93 -19.74 19.78 13.14
C TRP B 93 -18.41 20.01 12.39
N GLN B 94 -17.33 19.74 13.11
CA GLN B 94 -16.01 19.71 12.48
C GLN B 94 -15.98 18.28 11.91
N LEU B 95 -15.82 18.14 10.61
CA LEU B 95 -15.86 16.84 9.97
C LEU B 95 -14.60 16.48 9.18
N CYS B 96 -14.14 15.27 9.43
CA CYS B 96 -12.97 14.70 8.75
C CYS B 96 -13.45 13.52 7.92
N VAL B 97 -12.75 13.16 6.85
CA VAL B 97 -13.15 12.09 5.96
C VAL B 97 -12.30 10.83 6.12
N GLN B 98 -13.02 9.71 6.12
CA GLN B 98 -12.42 8.40 6.20
C GLN B 98 -12.96 7.49 5.09
N ILE B 99 -12.27 6.37 4.94
CA ILE B 99 -12.71 5.24 4.15
C ILE B 99 -13.36 4.36 5.25
N TRP B 100 -14.68 4.34 5.26
CA TRP B 100 -15.47 3.60 6.23
C TRP B 100 -15.61 2.13 5.83
N SER B 101 -15.20 1.25 6.74
CA SER B 101 -15.18 -0.19 6.49
C SER B 101 -16.54 -0.79 6.15
N LYS B 102 -17.61 -0.15 6.61
CA LYS B 102 -18.94 -0.67 6.29
C LYS B 102 -19.15 -0.74 4.79
N TYR B 103 -18.64 0.24 4.05
CA TYR B 103 -18.80 0.25 2.61
C TYR B 103 -17.50 0.33 1.83
N ASN B 104 -16.36 0.45 2.51
CA ASN B 104 -15.07 0.65 1.85
C ASN B 104 -15.20 1.84 0.88
N LEU B 105 -15.85 2.91 1.31
CA LEU B 105 -16.05 4.14 0.56
C LEU B 105 -16.02 5.31 1.56
N LEU B 106 -16.02 6.54 1.07
CA LEU B 106 -15.88 7.74 1.87
C LEU B 106 -17.03 8.05 2.82
N ASP B 107 -16.67 8.63 3.96
CA ASP B 107 -17.64 8.92 5.01
C ASP B 107 -17.18 10.07 5.90
N ASP B 108 -18.13 10.92 6.29
CA ASP B 108 -17.81 12.04 7.18
C ASP B 108 -17.95 11.59 8.63
N VAL B 109 -16.94 11.90 9.44
CA VAL B 109 -16.94 11.58 10.86
C VAL B 109 -16.33 12.73 11.67
N GLY B 110 -16.40 12.63 12.99
CA GLY B 110 -15.72 13.63 13.84
C GLY B 110 -14.23 13.33 13.72
N CYS B 111 -13.35 14.25 14.07
CA CYS B 111 -11.90 14.04 13.88
C CYS B 111 -11.13 13.40 15.01
N GLY B 112 -11.82 13.06 16.11
CA GLY B 112 -11.23 12.49 17.28
C GLY B 112 -10.96 11.01 17.34
N GLY B 113 -11.70 10.16 16.64
CA GLY B 113 -11.48 8.72 16.69
C GLY B 113 -10.20 8.27 16.04
N ALA B 114 -9.62 7.18 16.55
CA ALA B 114 -8.40 6.62 16.00
C ALA B 114 -8.70 5.72 14.81
N ARG B 115 -7.94 5.91 13.73
CA ARG B 115 -8.14 5.13 12.52
C ARG B 115 -6.78 4.88 11.86
N ARG B 116 -6.76 3.93 10.94
CA ARG B 116 -5.52 3.61 10.23
C ARG B 116 -5.19 4.76 9.29
N VAL B 117 -3.97 4.73 8.76
CA VAL B 117 -3.49 5.82 7.93
C VAL B 117 -3.01 5.40 6.55
N ILE B 118 -3.30 6.28 5.60
CA ILE B 118 -2.81 6.14 4.24
C ILE B 118 -2.12 7.44 3.81
N CYS B 119 -0.83 7.34 3.49
CA CYS B 119 -0.07 8.46 3.00
C CYS B 119 0.27 8.29 1.51
N GLU B 120 0.51 9.39 0.82
CA GLU B 120 0.89 9.41 -0.58
C GLU B 120 2.08 10.35 -0.83
N LYS B 121 2.71 10.15 -1.97
CA LYS B 121 3.81 10.99 -2.46
C LYS B 121 3.78 10.90 -3.99
N GLU B 122 3.44 12.01 -4.62
CA GLU B 122 3.37 12.10 -6.07
C GLU B 122 4.77 11.86 -6.63
N LEU B 123 4.92 10.90 -7.54
CA LEU B 123 6.26 10.61 -8.02
C LEU B 123 6.69 11.49 -9.18
CA ASP B 124 8.26 13.34 -9.48
#